data_3SZ3
#
_entry.id   3SZ3
#
_cell.length_a   76.020
_cell.length_b   94.047
_cell.length_c   47.036
_cell.angle_alpha   90.000
_cell.angle_beta   90.000
_cell.angle_gamma   90.000
#
_symmetry.space_group_name_H-M   'P 21 21 2'
#
loop_
_entity.id
_entity.type
_entity.pdbx_description
1 polymer 'Tryptophanyl-tRNA synthetase'
2 non-polymer TRYPTOPHAN
3 non-polymer GLYCEROL
4 water water
#
_entity_poly.entity_id   1
_entity_poly.type   'polypeptide(L)'
_entity_poly.pdbx_seq_one_letter_code
;SNAMSKPIVLSGVQPSGELSIGNYLGALRQWQQMQDDYDCQYCVVDLHAITVRQDPQALHEATLDALAICLAVGVDPKKS
TLFVQSHVPEHAQLGWVLNCYTQMGELSRMTQFKDKSARYANDVNAGLFGYPVLMAADILLYGAHQVPVGSDQKQHLELA
RDIATRFNNIYSPEQPIFTIPEPYIPTVNARVMSLQDATKKMSKSDDNRKNVITLLEDPKSIIKKINKAQTDAETPPRIA
YDVENKAGIANLMGLYSAATGKTFAEIEAQYAGVEMYGPFKKDVGEAVVAMLEPVQAEYQRIRNDREYLNSVMRDGAEKA
SAKALQTLKKVYAAVGFVARP
;
_entity_poly.pdbx_strand_id   A
#
# COMPACT_ATOMS: atom_id res chain seq x y z
N SER A 1 10.05 21.08 14.34
CA SER A 1 11.29 21.81 13.91
C SER A 1 12.32 20.82 13.39
N ASN A 2 12.20 20.42 12.13
CA ASN A 2 11.05 20.73 11.27
C ASN A 2 10.27 19.46 10.99
N ALA A 3 10.99 18.39 10.60
CA ALA A 3 10.38 17.06 10.44
C ALA A 3 9.77 16.61 11.77
N MET A 4 10.36 17.09 12.86
CA MET A 4 9.84 16.79 14.20
C MET A 4 8.46 17.39 14.47
N SER A 5 7.99 18.31 13.62
CA SER A 5 6.68 18.88 13.81
C SER A 5 5.59 18.25 12.94
N LYS A 6 5.97 17.34 12.06
CA LYS A 6 4.99 16.61 11.21
C LYS A 6 4.82 15.20 11.76
N PRO A 7 3.63 14.61 11.56
CA PRO A 7 3.54 13.24 12.01
C PRO A 7 4.36 12.29 11.13
N ILE A 8 4.82 11.23 11.76
CA ILE A 8 5.57 10.17 11.09
C ILE A 8 4.59 9.13 10.60
N VAL A 9 4.70 8.81 9.32
CA VAL A 9 3.85 7.83 8.68
C VAL A 9 4.73 6.72 8.14
N LEU A 10 4.35 5.48 8.38
CA LEU A 10 5.00 4.35 7.76
C LEU A 10 3.97 3.57 6.93
N SER A 11 4.32 3.38 5.66
CA SER A 11 3.51 2.61 4.71
C SER A 11 4.25 1.34 4.36
N GLY A 12 3.55 0.21 4.34
CA GLY A 12 4.08 -1.03 3.87
C GLY A 12 3.69 -1.27 2.44
N VAL A 13 4.67 -1.58 1.60
CA VAL A 13 4.48 -1.81 0.19
C VAL A 13 4.80 -3.28 -0.14
N GLN A 14 3.83 -4.04 -0.61
CA GLN A 14 4.04 -5.47 -0.85
C GLN A 14 4.85 -5.70 -2.10
N PRO A 15 5.87 -6.59 -2.08
N PRO A 15 5.94 -6.46 -2.01
CA PRO A 15 6.51 -7.03 -3.33
CA PRO A 15 6.88 -6.62 -3.10
C PRO A 15 5.89 -8.33 -3.88
C PRO A 15 6.14 -7.22 -4.26
N SER A 16 4.62 -8.22 -4.25
N SER A 16 5.28 -6.39 -4.80
CA SER A 16 3.81 -9.30 -4.81
CA SER A 16 4.51 -6.73 -5.93
C SER A 16 2.52 -8.70 -5.35
C SER A 16 4.91 -5.49 -6.60
N GLY A 17 1.88 -9.45 -6.25
N GLY A 17 4.11 -4.43 -6.49
CA GLY A 17 0.63 -9.00 -6.85
CA GLY A 17 4.30 -3.27 -7.31
C GLY A 17 0.80 -7.82 -7.78
C GLY A 17 3.66 -3.71 -8.61
N GLU A 18 -0.31 -7.21 -8.19
N GLU A 18 2.39 -3.39 -8.76
CA GLU A 18 -0.28 -6.01 -9.01
CA GLU A 18 1.63 -4.00 -9.83
C GLU A 18 -1.22 -4.97 -8.41
C GLU A 18 0.26 -3.33 -9.95
N LEU A 19 -0.73 -3.78 -8.16
N LEU A 19 -0.53 -3.54 -8.85
CA LEU A 19 -1.60 -2.71 -7.67
CA LEU A 19 -1.45 -2.61 -8.13
C LEU A 19 -2.67 -2.35 -8.70
C LEU A 19 -2.71 -2.15 -8.86
N SER A 20 -3.88 -2.08 -8.21
CA SER A 20 -5.04 -1.67 -8.99
C SER A 20 -5.14 -0.16 -9.15
N ILE A 21 -6.00 0.26 -10.07
CA ILE A 21 -6.24 1.68 -10.27
C ILE A 21 -6.95 2.24 -9.05
N GLY A 22 -7.67 1.41 -8.31
CA GLY A 22 -8.17 1.84 -7.01
C GLY A 22 -7.10 2.14 -5.99
N ASN A 23 -6.05 1.32 -5.95
CA ASN A 23 -4.92 1.57 -5.06
C ASN A 23 -4.26 2.87 -5.49
N TYR A 24 -4.15 3.05 -6.82
CA TYR A 24 -3.55 4.30 -7.32
C TYR A 24 -4.35 5.53 -6.92
N LEU A 25 -5.64 5.53 -7.25
CA LEU A 25 -6.47 6.69 -7.00
C LEU A 25 -6.75 6.91 -5.51
N GLY A 26 -6.82 5.83 -4.76
CA GLY A 26 -7.11 5.89 -3.32
C GLY A 26 -5.94 6.22 -2.45
N ALA A 27 -4.72 5.95 -2.94
CA ALA A 27 -3.53 6.02 -2.11
C ALA A 27 -2.32 6.61 -2.85
N LEU A 28 -1.81 5.90 -3.84
CA LEU A 28 -0.51 6.25 -4.43
C LEU A 28 -0.47 7.60 -5.11
N ARG A 29 -1.57 7.99 -5.76
N ARG A 29 -1.58 8.00 -5.75
CA ARG A 29 -1.64 9.30 -6.40
CA ARG A 29 -1.61 9.30 -6.41
C ARG A 29 -1.34 10.44 -5.43
C ARG A 29 -1.40 10.47 -5.43
N GLN A 30 -1.64 10.22 -4.14
CA GLN A 30 -1.46 11.24 -3.10
C GLN A 30 -0.11 11.18 -2.41
N TRP A 31 0.73 10.20 -2.74
CA TRP A 31 2.00 10.02 -2.06
C TRP A 31 2.94 11.21 -2.23
N GLN A 32 2.96 11.84 -3.38
CA GLN A 32 3.89 12.97 -3.59
C GLN A 32 3.54 14.13 -2.65
N GLN A 33 2.25 14.39 -2.45
CA GLN A 33 1.80 15.40 -1.48
C GLN A 33 2.04 14.95 -0.03
N MET A 34 1.72 13.70 0.27
N MET A 34 1.70 13.69 0.23
CA MET A 34 1.92 13.20 1.65
CA MET A 34 1.88 13.06 1.55
C MET A 34 3.34 13.35 2.09
C MET A 34 3.30 13.23 2.08
N GLN A 35 4.27 13.14 1.15
CA GLN A 35 5.69 13.24 1.44
C GLN A 35 6.07 14.63 1.96
N ASP A 36 5.33 15.67 1.55
CA ASP A 36 5.53 17.03 2.04
C ASP A 36 4.85 17.31 3.39
N ASP A 37 3.69 16.72 3.63
CA ASP A 37 2.90 17.01 4.83
C ASP A 37 3.19 16.10 6.05
N TYR A 38 3.91 15.01 5.79
CA TYR A 38 4.24 14.00 6.80
C TYR A 38 5.68 13.58 6.61
N ASP A 39 6.27 13.04 7.66
CA ASP A 39 7.59 12.42 7.63
C ASP A 39 7.37 10.95 7.28
N CYS A 40 7.53 10.61 6.01
CA CYS A 40 7.09 9.34 5.44
C CYS A 40 8.19 8.32 5.27
N GLN A 41 7.87 7.08 5.65
CA GLN A 41 8.69 5.94 5.36
C GLN A 41 7.87 5.01 4.49
N TYR A 42 8.51 4.44 3.47
CA TYR A 42 7.89 3.45 2.58
C TYR A 42 8.78 2.23 2.62
N CYS A 43 8.24 1.13 3.14
CA CYS A 43 9.00 -0.08 3.41
C CYS A 43 8.45 -1.15 2.47
N VAL A 44 9.31 -1.70 1.61
CA VAL A 44 8.96 -2.79 0.72
C VAL A 44 9.14 -4.07 1.50
N VAL A 45 8.03 -4.71 1.84
CA VAL A 45 8.00 -5.74 2.86
C VAL A 45 8.29 -7.15 2.33
N ASP A 46 9.53 -7.34 1.88
CA ASP A 46 9.93 -8.65 1.37
C ASP A 46 9.96 -9.78 2.43
N LEU A 47 10.27 -9.46 3.68
CA LEU A 47 10.26 -10.46 4.76
C LEU A 47 8.85 -11.00 4.97
N HIS A 48 7.84 -10.17 4.78
N HIS A 48 7.84 -10.14 4.75
CA HIS A 48 6.47 -10.66 4.88
CA HIS A 48 6.41 -10.57 4.75
C HIS A 48 6.08 -11.50 3.65
C HIS A 48 6.13 -11.56 3.65
N ALA A 49 6.69 -11.27 2.48
CA ALA A 49 6.32 -12.01 1.27
C ALA A 49 6.54 -13.50 1.40
N ILE A 50 7.63 -13.90 2.07
CA ILE A 50 8.01 -15.29 2.18
C ILE A 50 7.20 -16.09 3.20
N THR A 51 6.20 -15.44 3.82
CA THR A 51 5.21 -16.20 4.62
C THR A 51 4.33 -17.08 3.71
N VAL A 52 4.32 -16.81 2.41
CA VAL A 52 3.76 -17.73 1.43
C VAL A 52 4.87 -18.11 0.44
N ARG A 53 4.87 -19.34 -0.05
N ARG A 53 4.92 -19.35 0.00
CA ARG A 53 5.92 -19.81 -0.97
CA ARG A 53 5.97 -19.77 -0.92
C ARG A 53 6.01 -18.97 -2.24
C ARG A 53 5.98 -18.84 -2.13
N GLN A 54 7.18 -18.37 -2.46
CA GLN A 54 7.41 -17.47 -3.58
C GLN A 54 8.43 -18.12 -4.51
N ASP A 55 8.22 -18.00 -5.82
CA ASP A 55 9.30 -18.24 -6.75
C ASP A 55 10.40 -17.22 -6.49
N PRO A 56 11.66 -17.68 -6.25
CA PRO A 56 12.70 -16.72 -5.90
C PRO A 56 12.91 -15.62 -6.93
N GLN A 57 13.05 -15.98 -8.20
N GLN A 57 13.06 -15.95 -8.21
CA GLN A 57 13.27 -14.97 -9.23
CA GLN A 57 13.27 -14.90 -9.21
C GLN A 57 12.09 -14.00 -9.31
C GLN A 57 12.08 -13.96 -9.26
N ALA A 58 10.86 -14.50 -9.16
CA ALA A 58 9.70 -13.64 -9.21
C ALA A 58 9.69 -12.64 -8.04
N LEU A 59 10.09 -13.10 -6.86
CA LEU A 59 10.15 -12.22 -5.70
C LEU A 59 11.22 -11.15 -5.86
N HIS A 60 12.36 -11.55 -6.39
CA HIS A 60 13.45 -10.62 -6.65
C HIS A 60 12.94 -9.48 -7.56
N GLU A 61 12.33 -9.87 -8.68
CA GLU A 61 11.87 -8.88 -9.64
C GLU A 61 10.70 -8.07 -9.12
N ALA A 62 9.80 -8.71 -8.37
CA ALA A 62 8.67 -8.01 -7.78
C ALA A 62 9.11 -6.94 -6.76
N THR A 63 10.21 -7.21 -6.06
CA THR A 63 10.81 -6.22 -5.16
C THR A 63 11.24 -4.96 -5.88
N LEU A 64 11.93 -5.16 -7.01
CA LEU A 64 12.36 -4.03 -7.84
C LEU A 64 11.14 -3.31 -8.45
N ASP A 65 10.14 -4.08 -8.86
CA ASP A 65 8.88 -3.50 -9.38
C ASP A 65 8.27 -2.56 -8.34
N ALA A 66 8.20 -3.01 -7.10
CA ALA A 66 7.58 -2.21 -6.03
C ALA A 66 8.37 -0.93 -5.78
N LEU A 67 9.70 -1.04 -5.75
CA LEU A 67 10.54 0.10 -5.53
C LEU A 67 10.30 1.12 -6.66
N ALA A 68 10.34 0.64 -7.89
CA ALA A 68 10.16 1.53 -9.05
C ALA A 68 8.78 2.16 -9.11
N ILE A 69 7.73 1.47 -8.70
N ILE A 69 7.74 1.47 -8.70
CA ILE A 69 6.40 2.09 -8.67
CA ILE A 69 6.41 2.08 -8.64
C ILE A 69 6.39 3.24 -7.65
C ILE A 69 6.41 3.25 -7.66
N CYS A 70 7.02 3.07 -6.49
CA CYS A 70 7.11 4.16 -5.51
C CYS A 70 7.80 5.41 -6.11
N LEU A 71 8.92 5.18 -6.76
CA LEU A 71 9.67 6.27 -7.42
C LEU A 71 8.84 6.90 -8.53
N ALA A 72 8.15 6.08 -9.32
CA ALA A 72 7.39 6.58 -10.47
C ALA A 72 6.26 7.51 -10.07
N VAL A 73 5.64 7.26 -8.90
CA VAL A 73 4.58 8.14 -8.40
C VAL A 73 5.12 9.30 -7.55
N GLY A 74 6.43 9.47 -7.50
CA GLY A 74 7.03 10.66 -6.93
C GLY A 74 7.58 10.54 -5.52
N VAL A 75 7.70 9.33 -4.98
CA VAL A 75 8.40 9.17 -3.71
C VAL A 75 9.86 9.52 -3.99
N ASP A 76 10.40 10.46 -3.22
CA ASP A 76 11.75 10.97 -3.44
C ASP A 76 12.66 10.43 -2.33
N PRO A 77 13.74 9.70 -2.66
CA PRO A 77 14.60 9.18 -1.58
C PRO A 77 15.22 10.18 -0.63
N LYS A 78 15.31 11.44 -1.06
CA LYS A 78 15.81 12.52 -0.23
C LYS A 78 14.76 13.13 0.67
N LYS A 79 13.49 13.02 0.28
CA LYS A 79 12.39 13.63 1.04
C LYS A 79 11.62 12.62 1.90
N SER A 80 11.75 11.34 1.57
CA SER A 80 11.13 10.25 2.30
C SER A 80 12.20 9.22 2.59
N THR A 81 11.86 8.21 3.38
CA THR A 81 12.74 7.08 3.66
C THR A 81 12.13 5.86 2.94
N LEU A 82 12.76 5.48 1.84
CA LEU A 82 12.26 4.44 0.91
C LEU A 82 13.25 3.30 0.91
N PHE A 83 12.81 2.11 1.29
CA PHE A 83 13.77 1.04 1.50
C PHE A 83 13.11 -0.32 1.45
N VAL A 84 13.96 -1.33 1.31
CA VAL A 84 13.55 -2.74 1.31
C VAL A 84 13.74 -3.30 2.72
N GLN A 85 12.68 -3.89 3.27
CA GLN A 85 12.64 -4.38 4.65
C GLN A 85 13.88 -5.23 5.02
N SER A 86 14.17 -6.25 4.20
CA SER A 86 15.28 -7.16 4.50
C SER A 86 16.65 -6.49 4.51
N HIS A 87 16.76 -5.30 3.94
CA HIS A 87 18.02 -4.54 3.95
C HIS A 87 18.29 -3.90 5.28
N VAL A 88 17.32 -3.84 6.18
CA VAL A 88 17.44 -3.07 7.42
C VAL A 88 17.34 -4.10 8.55
N PRO A 89 18.50 -4.49 9.14
CA PRO A 89 18.53 -5.63 10.05
C PRO A 89 17.73 -5.47 11.33
N GLU A 90 17.41 -4.22 11.67
CA GLU A 90 16.73 -3.95 12.92
C GLU A 90 15.30 -4.52 12.92
N HIS A 91 14.70 -4.72 11.74
CA HIS A 91 13.32 -5.20 11.69
C HIS A 91 13.18 -6.58 12.33
N ALA A 92 13.96 -7.55 11.86
CA ALA A 92 13.88 -8.91 12.42
C ALA A 92 14.29 -8.93 13.91
N GLN A 93 15.27 -8.11 14.25
CA GLN A 93 15.73 -8.02 15.64
C GLN A 93 14.63 -7.54 16.57
N LEU A 94 13.95 -6.44 16.23
CA LEU A 94 12.89 -5.99 17.11
C LEU A 94 11.75 -6.97 17.07
N GLY A 95 11.51 -7.58 15.92
CA GLY A 95 10.45 -8.57 15.85
C GLY A 95 10.63 -9.70 16.86
N TRP A 96 11.87 -10.19 17.04
CA TRP A 96 12.07 -11.28 17.98
C TRP A 96 11.71 -10.81 19.39
N VAL A 97 12.20 -9.64 19.77
CA VAL A 97 11.95 -9.12 21.11
C VAL A 97 10.44 -8.99 21.33
N LEU A 98 9.72 -8.43 20.36
CA LEU A 98 8.29 -8.21 20.52
C LEU A 98 7.51 -9.52 20.61
N ASN A 99 8.03 -10.61 20.03
CA ASN A 99 7.38 -11.93 20.17
C ASN A 99 7.22 -12.24 21.66
N CYS A 100 8.21 -11.87 22.46
CA CYS A 100 8.25 -12.16 23.89
C CYS A 100 7.24 -11.34 24.71
N TYR A 101 6.58 -10.37 24.07
CA TYR A 101 5.54 -9.51 24.68
C TYR A 101 4.22 -9.65 23.90
N THR A 102 4.06 -10.75 23.19
CA THR A 102 2.84 -11.01 22.45
C THR A 102 2.28 -12.33 22.96
N GLN A 103 0.98 -12.36 23.29
CA GLN A 103 0.36 -13.58 23.75
C GLN A 103 0.01 -14.50 22.58
N MET A 104 0.21 -15.79 22.77
CA MET A 104 -0.21 -16.75 21.75
C MET A 104 -1.66 -16.58 21.31
N GLY A 105 -2.53 -16.36 22.29
CA GLY A 105 -3.92 -16.12 22.03
C GLY A 105 -4.20 -14.92 21.14
N GLU A 106 -3.39 -13.88 21.26
CA GLU A 106 -3.55 -12.70 20.42
C GLU A 106 -3.27 -13.04 18.96
N LEU A 107 -2.29 -13.89 18.70
CA LEU A 107 -1.97 -14.31 17.33
C LEU A 107 -2.93 -15.35 16.76
N SER A 108 -3.39 -16.27 17.61
CA SER A 108 -4.30 -17.37 17.19
C SER A 108 -5.66 -16.86 16.77
N ARG A 109 -6.08 -15.73 17.33
CA ARG A 109 -7.40 -15.14 17.06
C ARG A 109 -7.41 -14.22 15.82
N MET A 110 -6.25 -14.01 15.20
CA MET A 110 -6.18 -13.19 14.00
C MET A 110 -6.93 -13.85 12.85
N THR A 111 -7.82 -13.09 12.23
CA THR A 111 -8.65 -13.63 11.16
C THR A 111 -7.79 -14.02 9.96
N GLN A 112 -6.77 -13.25 9.65
CA GLN A 112 -5.94 -13.58 8.52
C GLN A 112 -5.24 -14.94 8.74
N PHE A 113 -4.72 -15.18 9.93
CA PHE A 113 -4.13 -16.50 10.23
C PHE A 113 -5.16 -17.62 10.16
N LYS A 114 -6.34 -17.41 10.75
CA LYS A 114 -7.36 -18.45 10.73
C LYS A 114 -7.75 -18.87 9.31
N ASP A 115 -7.84 -17.92 8.40
CA ASP A 115 -8.09 -18.24 6.97
C ASP A 115 -7.00 -19.13 6.35
N LYS A 116 -5.73 -18.79 6.59
CA LYS A 116 -4.61 -19.48 5.98
C LYS A 116 -4.37 -20.85 6.60
N SER A 117 -4.59 -20.95 7.91
CA SER A 117 -4.59 -22.23 8.60
C SER A 117 -5.57 -23.19 7.89
N ALA A 118 -6.75 -22.68 7.54
CA ALA A 118 -7.78 -23.52 6.90
C ALA A 118 -7.39 -23.93 5.46
N ARG A 119 -6.68 -23.05 4.76
CA ARG A 119 -6.24 -23.30 3.38
C ARG A 119 -5.06 -24.27 3.28
N TYR A 120 -4.05 -24.10 4.13
CA TYR A 120 -2.79 -24.83 4.00
C TYR A 120 -2.70 -26.12 4.84
N ALA A 121 -3.72 -26.40 5.65
CA ALA A 121 -3.70 -27.56 6.56
C ALA A 121 -2.43 -27.57 7.44
N ASN A 122 -1.82 -28.75 7.62
CA ASN A 122 -0.64 -28.89 8.47
C ASN A 122 0.60 -28.14 7.98
N ASP A 123 0.60 -27.75 6.71
CA ASP A 123 1.70 -26.94 6.19
C ASP A 123 1.76 -25.54 6.78
N VAL A 124 0.74 -25.07 7.48
CA VAL A 124 0.72 -23.65 7.83
C VAL A 124 1.99 -23.34 8.61
N ASN A 125 2.72 -22.36 8.14
CA ASN A 125 4.02 -22.04 8.74
C ASN A 125 3.94 -20.99 9.84
N ALA A 126 4.97 -20.98 10.69
CA ALA A 126 5.02 -20.09 11.84
C ALA A 126 5.21 -18.61 11.44
N GLY A 127 5.70 -18.38 10.23
CA GLY A 127 5.79 -17.02 9.70
C GLY A 127 4.43 -16.39 9.44
N LEU A 128 3.53 -17.15 8.85
CA LEU A 128 2.17 -16.69 8.62
C LEU A 128 1.54 -16.37 9.97
N PHE A 129 1.79 -17.20 10.97
CA PHE A 129 1.24 -16.98 12.32
C PHE A 129 1.84 -15.75 12.99
N GLY A 130 3.17 -15.57 12.86
CA GLY A 130 3.86 -14.54 13.55
C GLY A 130 3.99 -13.21 12.85
N TYR A 131 3.52 -13.09 11.61
N TYR A 131 3.51 -13.12 11.61
CA TYR A 131 3.83 -11.84 10.88
CA TYR A 131 3.79 -11.90 10.85
C TYR A 131 3.21 -10.57 11.47
C TYR A 131 3.29 -10.64 11.58
N PRO A 132 2.12 -10.68 12.24
CA PRO A 132 1.68 -9.44 12.93
C PRO A 132 2.71 -8.84 13.93
N VAL A 133 3.54 -9.68 14.52
CA VAL A 133 4.57 -9.22 15.42
C VAL A 133 5.66 -8.50 14.64
N LEU A 134 6.06 -9.07 13.50
CA LEU A 134 7.03 -8.39 12.63
C LEU A 134 6.48 -7.07 12.08
N MET A 135 5.20 -7.05 11.72
CA MET A 135 4.55 -5.80 11.29
C MET A 135 4.61 -4.74 12.40
N ALA A 136 4.37 -5.17 13.64
CA ALA A 136 4.47 -4.26 14.76
C ALA A 136 5.87 -3.70 14.86
N ALA A 137 6.88 -4.55 14.74
CA ALA A 137 8.28 -4.07 14.74
C ALA A 137 8.54 -3.06 13.62
N ASP A 138 8.01 -3.37 12.43
CA ASP A 138 8.21 -2.51 11.27
C ASP A 138 7.75 -1.08 11.58
N ILE A 139 6.60 -0.96 12.24
CA ILE A 139 5.97 0.31 12.59
C ILE A 139 6.72 1.01 13.74
N LEU A 140 6.95 0.25 14.81
CA LEU A 140 7.43 0.84 16.05
C LEU A 140 8.87 1.29 15.93
N LEU A 141 9.67 0.65 15.08
CA LEU A 141 11.05 1.09 14.88
C LEU A 141 11.16 2.54 14.54
N TYR A 142 10.19 3.07 13.79
CA TYR A 142 10.26 4.45 13.27
C TYR A 142 9.46 5.43 14.12
N GLY A 143 8.82 4.93 15.19
CA GLY A 143 7.97 5.78 16.02
C GLY A 143 6.84 6.39 15.22
N ALA A 144 6.28 5.61 14.30
CA ALA A 144 5.24 6.09 13.44
C ALA A 144 4.02 6.45 14.25
N HIS A 145 3.50 7.63 13.97
CA HIS A 145 2.25 8.06 14.56
C HIS A 145 1.06 7.53 13.80
N GLN A 146 1.22 7.37 12.49
CA GLN A 146 0.14 6.95 11.63
C GLN A 146 0.59 5.88 10.63
N VAL A 147 -0.30 4.94 10.32
CA VAL A 147 -0.02 3.84 9.42
C VAL A 147 -1.25 3.61 8.53
N PRO A 148 -1.10 3.67 7.20
CA PRO A 148 -2.25 3.32 6.34
C PRO A 148 -2.45 1.83 6.35
N VAL A 149 -3.69 1.40 6.64
CA VAL A 149 -4.01 -0.02 6.69
C VAL A 149 -5.31 -0.29 5.95
N GLY A 150 -5.30 -1.39 5.19
CA GLY A 150 -6.52 -1.87 4.53
C GLY A 150 -7.38 -2.58 5.55
N SER A 151 -8.61 -2.88 5.17
CA SER A 151 -9.53 -3.60 6.04
C SER A 151 -8.91 -4.86 6.65
N ASP A 152 -8.21 -5.62 5.83
CA ASP A 152 -7.55 -6.86 6.24
C ASP A 152 -6.30 -6.67 7.13
N GLN A 153 -5.90 -5.43 7.38
CA GLN A 153 -4.69 -5.17 8.21
C GLN A 153 -5.05 -4.42 9.49
N LYS A 154 -6.32 -4.12 9.72
CA LYS A 154 -6.74 -3.33 10.87
C LYS A 154 -6.52 -4.03 12.22
N GLN A 155 -6.87 -5.32 12.28
CA GLN A 155 -6.64 -6.15 13.45
C GLN A 155 -5.14 -6.22 13.77
N HIS A 156 -4.32 -6.33 12.74
CA HIS A 156 -2.87 -6.37 12.91
C HIS A 156 -2.38 -5.06 13.51
N LEU A 157 -2.88 -3.92 13.03
CA LEU A 157 -2.50 -2.65 13.60
C LEU A 157 -2.93 -2.55 15.06
N GLU A 158 -4.11 -3.06 15.40
CA GLU A 158 -4.51 -3.06 16.80
C GLU A 158 -3.56 -3.85 17.71
N LEU A 159 -3.05 -4.97 17.20
CA LEU A 159 -2.10 -5.73 17.98
C LEU A 159 -0.81 -4.91 18.20
N ALA A 160 -0.34 -4.21 17.17
CA ALA A 160 0.82 -3.36 17.34
C ALA A 160 0.62 -2.36 18.46
N ARG A 161 -0.57 -1.77 18.53
CA ARG A 161 -0.89 -0.85 19.61
C ARG A 161 -0.85 -1.54 20.97
N ASP A 162 -1.42 -2.74 21.02
CA ASP A 162 -1.43 -3.52 22.24
C ASP A 162 -0.01 -3.89 22.71
N ILE A 163 0.83 -4.31 21.79
CA ILE A 163 2.20 -4.68 22.13
C ILE A 163 2.97 -3.47 22.62
N ALA A 164 2.83 -2.34 21.93
CA ALA A 164 3.54 -1.12 22.32
C ALA A 164 3.12 -0.69 23.74
N THR A 165 1.81 -0.72 23.99
CA THR A 165 1.25 -0.33 25.28
C THR A 165 1.79 -1.24 26.37
N ARG A 166 1.75 -2.55 26.14
CA ARG A 166 2.22 -3.55 27.11
C ARG A 166 3.69 -3.31 27.44
N PHE A 167 4.51 -3.15 26.42
CA PHE A 167 5.93 -2.92 26.63
C PHE A 167 6.19 -1.61 27.39
N ASN A 168 5.53 -0.53 26.96
CA ASN A 168 5.65 0.75 27.65
C ASN A 168 5.25 0.66 29.12
N ASN A 169 4.20 -0.10 29.41
CA ASN A 169 3.71 -0.20 30.81
C ASN A 169 4.72 -0.93 31.69
N ILE A 170 5.47 -1.87 31.12
CA ILE A 170 6.47 -2.64 31.87
C ILE A 170 7.72 -1.83 32.06
N TYR A 171 8.22 -1.24 30.99
CA TYR A 171 9.56 -0.68 31.00
C TYR A 171 9.68 0.83 31.13
N SER A 172 8.63 1.54 30.72
N SER A 172 8.69 1.58 30.68
CA SER A 172 8.69 2.98 30.61
CA SER A 172 8.80 3.04 30.80
C SER A 172 7.33 3.64 30.80
C SER A 172 7.43 3.70 30.89
N PRO A 173 6.73 3.50 32.00
CA PRO A 173 5.39 4.04 32.24
C PRO A 173 5.32 5.58 32.31
N GLU A 174 6.44 6.27 32.47
CA GLU A 174 6.44 7.75 32.59
C GLU A 174 6.98 8.43 31.33
N GLN A 175 7.98 7.82 30.70
CA GLN A 175 8.53 8.32 29.46
C GLN A 175 8.51 7.20 28.43
N PRO A 176 7.39 7.08 27.69
CA PRO A 176 7.24 5.90 26.86
C PRO A 176 8.38 5.70 25.83
N ILE A 177 8.80 4.46 25.63
CA ILE A 177 9.74 4.14 24.58
C ILE A 177 9.09 4.12 23.19
N PHE A 178 7.93 3.50 23.09
CA PHE A 178 7.21 3.39 21.84
C PHE A 178 6.10 4.41 21.70
N THR A 179 5.94 4.87 20.46
CA THR A 179 4.79 5.65 20.01
C THR A 179 3.66 4.70 19.67
N ILE A 180 2.45 5.04 20.08
CA ILE A 180 1.28 4.21 19.82
C ILE A 180 0.71 4.63 18.47
N PRO A 181 0.79 3.74 17.46
CA PRO A 181 0.34 4.16 16.13
C PRO A 181 -1.18 4.18 15.98
N GLU A 182 -1.66 5.02 15.06
N GLU A 182 -1.68 5.00 15.06
CA GLU A 182 -3.08 5.12 14.73
CA GLU A 182 -3.10 5.06 14.75
C GLU A 182 -3.23 4.89 13.23
C GLU A 182 -3.24 4.98 13.26
N PRO A 183 -4.43 4.61 12.76
CA PRO A 183 -4.61 4.55 11.31
C PRO A 183 -4.39 5.90 10.65
N TYR A 184 -3.76 5.88 9.46
CA TYR A 184 -3.66 7.06 8.62
C TYR A 184 -4.98 7.24 7.91
N ILE A 185 -5.44 8.49 7.78
CA ILE A 185 -6.71 8.73 7.05
C ILE A 185 -6.39 9.26 5.65
N PRO A 186 -6.72 8.47 4.58
CA PRO A 186 -6.40 8.96 3.22
C PRO A 186 -7.10 10.29 2.90
N THR A 187 -6.44 11.07 2.07
CA THR A 187 -6.94 12.41 1.73
C THR A 187 -7.89 12.40 0.55
N VAL A 188 -7.97 11.27 -0.16
CA VAL A 188 -8.96 11.08 -1.25
C VAL A 188 -9.71 9.78 -1.05
N ASN A 189 -11.02 9.86 -0.83
CA ASN A 189 -11.90 8.71 -0.72
C ASN A 189 -12.41 8.24 -2.08
N ALA A 190 -11.51 7.65 -2.86
CA ALA A 190 -11.85 7.24 -4.18
C ALA A 190 -12.82 6.07 -4.06
N ARG A 191 -13.71 5.99 -5.02
CA ARG A 191 -14.74 4.95 -5.03
C ARG A 191 -14.65 4.16 -6.31
N VAL A 192 -13.61 3.33 -6.39
CA VAL A 192 -13.36 2.63 -7.64
C VAL A 192 -13.92 1.23 -7.53
N MET A 193 -14.91 0.96 -8.36
CA MET A 193 -15.73 -0.25 -8.24
C MET A 193 -15.33 -1.24 -9.33
N SER A 194 -15.64 -2.51 -9.07
CA SER A 194 -15.40 -3.58 -10.03
C SER A 194 -16.11 -3.26 -11.34
N LEU A 195 -15.42 -3.38 -12.48
CA LEU A 195 -15.95 -2.91 -13.76
C LEU A 195 -17.23 -3.62 -14.22
N GLN A 196 -17.37 -4.89 -13.88
CA GLN A 196 -18.57 -5.70 -14.27
C GLN A 196 -19.52 -6.00 -13.11
N ASP A 197 -19.25 -5.39 -11.96
CA ASP A 197 -20.15 -5.43 -10.81
C ASP A 197 -19.89 -4.16 -10.00
N ALA A 198 -20.54 -3.08 -10.40
CA ALA A 198 -20.28 -1.77 -9.84
C ALA A 198 -20.74 -1.65 -8.38
N THR A 199 -21.38 -2.69 -7.85
CA THR A 199 -21.76 -2.71 -6.43
C THR A 199 -20.62 -3.17 -5.52
N LYS A 200 -19.53 -3.65 -6.10
CA LYS A 200 -18.42 -4.24 -5.32
C LYS A 200 -17.14 -3.45 -5.58
N LYS A 201 -16.40 -3.15 -4.50
CA LYS A 201 -15.17 -2.35 -4.60
C LYS A 201 -14.17 -3.07 -5.48
N MET A 202 -13.40 -2.36 -6.30
CA MET A 202 -12.42 -3.03 -7.14
C MET A 202 -11.31 -3.65 -6.26
N SER A 203 -11.05 -4.94 -6.41
CA SER A 203 -10.06 -5.61 -5.57
C SER A 203 -8.88 -6.10 -6.40
N LYS A 204 -7.66 -5.78 -5.93
CA LYS A 204 -6.46 -6.20 -6.65
C LYS A 204 -6.33 -7.72 -6.68
N SER A 205 -6.86 -8.41 -5.68
CA SER A 205 -6.80 -9.88 -5.63
C SER A 205 -8.03 -10.57 -6.23
N ASP A 206 -8.87 -9.83 -6.97
CA ASP A 206 -10.07 -10.43 -7.60
C ASP A 206 -9.60 -11.49 -8.60
N ASP A 207 -10.16 -12.70 -8.51
CA ASP A 207 -9.90 -13.75 -9.50
C ASP A 207 -10.47 -13.40 -10.87
N ASN A 208 -11.51 -12.56 -10.87
CA ASN A 208 -12.11 -12.09 -12.10
C ASN A 208 -11.43 -10.82 -12.58
N ARG A 209 -10.53 -10.96 -13.53
CA ARG A 209 -9.68 -9.83 -13.94
C ARG A 209 -10.41 -8.81 -14.82
N LYS A 210 -11.60 -9.17 -15.29
CA LYS A 210 -12.46 -8.28 -16.05
C LYS A 210 -12.95 -7.10 -15.18
N ASN A 211 -12.91 -7.32 -13.87
CA ASN A 211 -13.31 -6.32 -12.91
C ASN A 211 -12.22 -5.31 -12.58
N VAL A 212 -10.98 -5.58 -12.98
CA VAL A 212 -9.82 -4.87 -12.45
C VAL A 212 -8.99 -4.22 -13.56
N ILE A 213 -8.60 -2.98 -13.32
CA ILE A 213 -7.56 -2.32 -14.11
C ILE A 213 -6.39 -2.17 -13.17
N THR A 214 -5.23 -2.58 -13.62
CA THR A 214 -4.01 -2.42 -12.81
C THR A 214 -3.20 -1.25 -13.28
N LEU A 215 -2.39 -0.73 -12.38
CA LEU A 215 -1.57 0.42 -12.64
C LEU A 215 -0.65 0.24 -13.85
N LEU A 216 -0.09 -0.96 -14.03
CA LEU A 216 0.82 -1.27 -15.14
C LEU A 216 0.13 -2.08 -16.25
N GLU A 217 -1.17 -1.93 -16.36
CA GLU A 217 -1.92 -2.67 -17.36
C GLU A 217 -1.68 -2.06 -18.73
N ASP A 218 -1.56 -2.93 -19.73
CA ASP A 218 -1.39 -2.42 -21.09
C ASP A 218 -2.53 -1.52 -21.49
N PRO A 219 -2.24 -0.36 -22.08
CA PRO A 219 -3.32 0.55 -22.53
C PRO A 219 -4.39 -0.11 -23.38
N LYS A 220 -4.03 -1.05 -24.25
CA LYS A 220 -5.03 -1.72 -25.06
C LYS A 220 -6.00 -2.57 -24.23
N SER A 221 -5.50 -3.20 -23.18
CA SER A 221 -6.34 -3.95 -22.24
C SER A 221 -7.24 -3.03 -21.42
N ILE A 222 -6.73 -1.88 -21.00
CA ILE A 222 -7.53 -0.87 -20.30
C ILE A 222 -8.71 -0.43 -21.16
N ILE A 223 -8.45 -0.13 -22.43
CA ILE A 223 -9.49 0.33 -23.36
C ILE A 223 -10.55 -0.77 -23.50
N LYS A 224 -10.12 -2.02 -23.71
N LYS A 224 -10.10 -2.02 -23.69
CA LYS A 224 -11.10 -3.10 -23.86
CA LYS A 224 -11.02 -3.15 -23.84
C LYS A 224 -11.93 -3.28 -22.60
C LYS A 224 -11.90 -3.34 -22.62
N LYS A 225 -11.30 -3.27 -21.44
CA LYS A 225 -12.03 -3.50 -20.18
C LYS A 225 -13.04 -2.42 -19.88
N ILE A 226 -12.68 -1.17 -20.16
CA ILE A 226 -13.60 -0.06 -19.94
C ILE A 226 -14.76 -0.11 -20.96
N ASN A 227 -14.48 -0.50 -22.20
CA ASN A 227 -15.55 -0.62 -23.22
C ASN A 227 -16.58 -1.72 -22.88
N LYS A 228 -16.17 -2.70 -22.05
CA LYS A 228 -17.08 -3.77 -21.55
C LYS A 228 -17.56 -3.52 -20.10
N ALA A 229 -17.43 -2.30 -19.61
CA ALA A 229 -17.82 -1.97 -18.24
C ALA A 229 -19.34 -1.94 -18.12
N GLN A 230 -19.82 -2.27 -16.93
CA GLN A 230 -21.23 -2.12 -16.58
C GLN A 230 -21.68 -0.65 -16.72
N THR A 231 -22.82 -0.45 -17.37
CA THR A 231 -23.45 0.86 -17.40
C THR A 231 -24.69 0.83 -16.50
N ASP A 232 -25.88 0.94 -17.09
CA ASP A 232 -27.17 0.81 -16.37
C ASP A 232 -28.29 0.58 -17.39
N ALA A 233 -29.50 0.37 -16.89
CA ALA A 233 -30.67 0.05 -17.72
C ALA A 233 -31.48 1.27 -18.18
N GLU A 234 -30.99 2.49 -17.93
CA GLU A 234 -31.81 3.67 -18.24
C GLU A 234 -32.00 3.84 -19.76
N THR A 235 -33.24 4.11 -20.15
CA THR A 235 -33.58 4.27 -21.54
C THR A 235 -34.41 5.55 -21.69
N PRO A 236 -33.96 6.51 -22.53
CA PRO A 236 -32.70 6.54 -23.26
C PRO A 236 -31.54 6.71 -22.30
N PRO A 237 -30.36 6.19 -22.66
CA PRO A 237 -29.15 6.38 -21.85
C PRO A 237 -28.99 7.84 -21.44
N ARG A 238 -28.50 8.04 -20.22
CA ARG A 238 -28.28 9.37 -19.66
C ARG A 238 -27.06 9.31 -18.76
N ILE A 239 -26.08 10.17 -19.06
CA ILE A 239 -24.84 10.21 -18.29
C ILE A 239 -25.05 11.21 -17.16
N ALA A 240 -25.33 10.68 -15.97
CA ALA A 240 -25.60 11.47 -14.78
C ALA A 240 -25.20 10.66 -13.57
N TYR A 241 -24.71 11.35 -12.54
CA TYR A 241 -24.10 10.70 -11.38
C TYR A 241 -25.16 10.30 -10.35
N ASP A 242 -25.18 9.00 -10.00
CA ASP A 242 -26.17 8.43 -9.07
C ASP A 242 -25.75 7.01 -8.69
N VAL A 243 -25.18 6.85 -7.49
CA VAL A 243 -24.59 5.59 -7.08
C VAL A 243 -25.64 4.49 -6.86
N GLU A 244 -26.79 4.86 -6.30
CA GLU A 244 -27.85 3.88 -5.99
C GLU A 244 -28.50 3.35 -7.26
N ASN A 245 -28.84 4.23 -8.19
CA ASN A 245 -29.60 3.83 -9.39
C ASN A 245 -28.80 3.68 -10.67
N LYS A 246 -27.61 4.29 -10.73
CA LYS A 246 -26.76 4.29 -11.93
C LYS A 246 -25.30 3.95 -11.57
N ALA A 247 -25.10 2.91 -10.77
CA ALA A 247 -23.80 2.56 -10.18
C ALA A 247 -22.67 2.42 -11.21
N GLY A 248 -22.97 1.78 -12.33
CA GLY A 248 -21.99 1.55 -13.37
C GLY A 248 -21.52 2.85 -13.99
N ILE A 249 -22.47 3.69 -14.34
CA ILE A 249 -22.14 5.03 -14.88
C ILE A 249 -21.42 5.86 -13.84
N ALA A 250 -21.81 5.75 -12.57
CA ALA A 250 -21.18 6.52 -11.50
C ALA A 250 -19.70 6.15 -11.37
N ASN A 251 -19.42 4.86 -11.49
CA ASN A 251 -18.06 4.37 -11.44
C ASN A 251 -17.24 4.92 -12.63
N LEU A 252 -17.81 4.85 -13.83
CA LEU A 252 -17.18 5.42 -15.03
C LEU A 252 -16.98 6.93 -14.90
N MET A 253 -17.98 7.63 -14.35
CA MET A 253 -17.85 9.07 -14.15
C MET A 253 -16.74 9.37 -13.15
N GLY A 254 -16.60 8.53 -12.11
CA GLY A 254 -15.53 8.74 -11.13
C GLY A 254 -14.17 8.57 -11.76
N LEU A 255 -14.03 7.56 -12.62
CA LEU A 255 -12.78 7.36 -13.36
C LEU A 255 -12.49 8.51 -14.30
N TYR A 256 -13.49 8.97 -15.04
CA TYR A 256 -13.31 10.06 -15.99
C TYR A 256 -12.93 11.34 -15.26
N SER A 257 -13.61 11.60 -14.14
CA SER A 257 -13.33 12.78 -13.30
C SER A 257 -11.88 12.74 -12.77
N ALA A 258 -11.47 11.59 -12.27
CA ALA A 258 -10.08 11.45 -11.76
C ALA A 258 -9.07 11.71 -12.89
N ALA A 259 -9.36 11.18 -14.07
CA ALA A 259 -8.44 11.21 -15.19
C ALA A 259 -8.34 12.57 -15.86
N THR A 260 -9.42 13.36 -15.83
CA THR A 260 -9.49 14.62 -16.56
C THR A 260 -9.53 15.88 -15.70
N GLY A 261 -9.87 15.71 -14.43
CA GLY A 261 -10.15 16.85 -13.54
C GLY A 261 -11.54 17.47 -13.67
N LYS A 262 -12.35 16.97 -14.60
CA LYS A 262 -13.72 17.47 -14.80
C LYS A 262 -14.59 17.06 -13.62
N THR A 263 -15.42 17.98 -13.15
CA THR A 263 -16.39 17.68 -12.11
C THR A 263 -17.56 16.88 -12.71
N PHE A 264 -18.34 16.26 -11.83
CA PHE A 264 -19.53 15.55 -12.26
C PHE A 264 -20.49 16.52 -12.97
N ALA A 265 -20.54 17.77 -12.50
CA ALA A 265 -21.43 18.76 -13.11
C ALA A 265 -20.96 19.09 -14.53
N GLU A 266 -19.65 19.15 -14.75
N GLU A 266 -19.65 19.17 -14.74
CA GLU A 266 -19.12 19.37 -16.09
CA GLU A 266 -19.09 19.35 -16.08
C GLU A 266 -19.32 18.18 -17.01
C GLU A 266 -19.40 18.18 -16.97
N ILE A 267 -19.15 16.98 -16.47
CA ILE A 267 -19.34 15.75 -17.24
C ILE A 267 -20.83 15.60 -17.66
N GLU A 268 -21.75 15.86 -16.74
CA GLU A 268 -23.18 15.83 -17.06
C GLU A 268 -23.50 16.80 -18.19
N ALA A 269 -22.94 18.00 -18.14
CA ALA A 269 -23.18 19.00 -19.18
C ALA A 269 -22.53 18.59 -20.51
N GLN A 270 -21.34 17.99 -20.43
CA GLN A 270 -20.62 17.58 -21.62
C GLN A 270 -21.43 16.59 -22.44
N TYR A 271 -22.13 15.69 -21.76
CA TYR A 271 -22.87 14.65 -22.45
C TYR A 271 -24.38 14.92 -22.46
N ALA A 272 -24.78 16.16 -22.15
CA ALA A 272 -26.17 16.55 -22.17
C ALA A 272 -26.77 16.23 -23.53
N GLY A 273 -27.83 15.42 -23.51
CA GLY A 273 -28.59 15.13 -24.72
C GLY A 273 -28.05 13.99 -25.53
N VAL A 274 -26.92 13.42 -25.09
CA VAL A 274 -26.30 12.26 -25.74
C VAL A 274 -26.97 11.00 -25.20
N GLU A 275 -27.67 10.27 -26.06
CA GLU A 275 -28.49 9.15 -25.62
C GLU A 275 -27.83 7.83 -25.97
N MET A 276 -26.57 7.71 -25.56
CA MET A 276 -25.76 6.52 -25.80
C MET A 276 -24.58 6.53 -24.85
N TYR A 277 -24.19 5.35 -24.39
CA TYR A 277 -23.04 5.20 -23.49
C TYR A 277 -21.74 4.83 -24.21
N GLY A 278 -21.81 4.41 -25.45
CA GLY A 278 -20.63 3.92 -26.16
C GLY A 278 -19.51 4.94 -26.29
N PRO A 279 -19.82 6.12 -26.86
CA PRO A 279 -18.82 7.18 -27.00
C PRO A 279 -18.21 7.59 -25.65
N PHE A 280 -19.04 7.65 -24.62
CA PHE A 280 -18.60 7.98 -23.27
C PHE A 280 -17.59 6.95 -22.75
N LYS A 281 -17.91 5.66 -22.87
CA LYS A 281 -16.97 4.63 -22.46
C LYS A 281 -15.66 4.71 -23.24
N LYS A 282 -15.72 5.06 -24.52
CA LYS A 282 -14.48 5.26 -25.30
C LYS A 282 -13.66 6.43 -24.73
N ASP A 283 -14.36 7.52 -24.44
CA ASP A 283 -13.72 8.70 -23.83
C ASP A 283 -13.09 8.36 -22.48
N VAL A 284 -13.82 7.60 -21.66
CA VAL A 284 -13.29 7.20 -20.34
C VAL A 284 -12.02 6.36 -20.49
N GLY A 285 -12.04 5.37 -21.36
CA GLY A 285 -10.88 4.52 -21.53
C GLY A 285 -9.69 5.33 -22.00
N GLU A 286 -9.90 6.20 -22.96
CA GLU A 286 -8.80 7.03 -23.47
C GLU A 286 -8.26 7.96 -22.38
N ALA A 287 -9.15 8.49 -21.56
CA ALA A 287 -8.76 9.36 -20.46
C ALA A 287 -7.95 8.61 -19.39
N VAL A 288 -8.40 7.41 -19.07
CA VAL A 288 -7.70 6.59 -18.10
C VAL A 288 -6.31 6.22 -18.62
N VAL A 289 -6.20 5.83 -19.90
CA VAL A 289 -4.89 5.57 -20.51
C VAL A 289 -4.00 6.80 -20.42
N ALA A 290 -4.56 7.97 -20.75
CA ALA A 290 -3.75 9.18 -20.72
C ALA A 290 -3.27 9.55 -19.31
N MET A 291 -4.05 9.19 -18.30
CA MET A 291 -3.66 9.43 -16.91
C MET A 291 -2.54 8.47 -16.50
N LEU A 292 -2.69 7.20 -16.84
CA LEU A 292 -1.72 6.20 -16.37
C LEU A 292 -0.43 6.16 -17.18
N GLU A 293 -0.52 6.42 -18.48
CA GLU A 293 0.63 6.29 -19.36
C GLU A 293 1.88 7.01 -18.88
N PRO A 294 1.74 8.25 -18.40
CA PRO A 294 2.94 8.96 -17.95
C PRO A 294 3.61 8.26 -16.73
N VAL A 295 2.78 7.70 -15.86
CA VAL A 295 3.28 6.96 -14.70
C VAL A 295 3.99 5.68 -15.19
N GLN A 296 3.34 4.99 -16.13
CA GLN A 296 3.91 3.78 -16.73
C GLN A 296 5.25 4.06 -17.40
N ALA A 297 5.34 5.17 -18.12
CA ALA A 297 6.59 5.52 -18.81
C ALA A 297 7.70 5.80 -17.81
N GLU A 298 7.39 6.54 -16.76
CA GLU A 298 8.38 6.81 -15.73
C GLU A 298 8.79 5.53 -15.05
N TYR A 299 7.81 4.70 -14.72
CA TYR A 299 8.10 3.38 -14.17
C TYR A 299 9.05 2.57 -15.05
N GLN A 300 8.75 2.46 -16.32
CA GLN A 300 9.50 1.52 -17.16
C GLN A 300 10.94 1.97 -17.28
N ARG A 301 11.15 3.28 -17.31
CA ARG A 301 12.51 3.85 -17.34
C ARG A 301 13.24 3.54 -16.04
N ILE A 302 12.65 3.99 -14.94
CA ILE A 302 13.28 3.83 -13.61
C ILE A 302 13.59 2.37 -13.36
N ARG A 303 12.62 1.49 -13.67
CA ARG A 303 12.72 0.07 -13.39
C ARG A 303 13.95 -0.61 -14.02
N ASN A 304 14.43 -0.10 -15.13
CA ASN A 304 15.57 -0.75 -15.80
C ASN A 304 16.86 0.05 -15.69
N ASP A 305 16.91 0.92 -14.69
CA ASP A 305 18.11 1.66 -14.35
C ASP A 305 18.59 1.08 -13.05
N ARG A 306 19.29 -0.05 -13.13
CA ARG A 306 19.65 -0.74 -11.89
CA ARG A 306 19.71 -0.75 -11.90
C ARG A 306 20.64 0.05 -11.04
N GLU A 307 21.56 0.80 -11.66
CA GLU A 307 22.49 1.62 -10.88
C GLU A 307 21.68 2.62 -10.02
N TYR A 308 20.67 3.23 -10.62
CA TYR A 308 19.82 4.14 -9.86
C TYR A 308 19.06 3.40 -8.76
N LEU A 309 18.43 2.29 -9.10
CA LEU A 309 17.71 1.55 -8.07
C LEU A 309 18.63 1.13 -6.92
N ASN A 310 19.84 0.71 -7.25
CA ASN A 310 20.79 0.34 -6.22
C ASN A 310 21.13 1.52 -5.32
N SER A 311 21.33 2.70 -5.91
N SER A 311 21.32 2.70 -5.90
N SER A 311 21.32 2.70 -5.90
CA SER A 311 21.56 3.91 -5.14
CA SER A 311 21.58 3.90 -5.08
CA SER A 311 21.57 3.90 -5.10
C SER A 311 20.41 4.16 -4.17
C SER A 311 20.40 4.22 -4.18
C SER A 311 20.40 4.21 -4.17
N VAL A 312 19.19 4.05 -4.70
CA VAL A 312 17.98 4.26 -3.89
C VAL A 312 17.95 3.27 -2.73
N MET A 313 18.22 2.00 -3.02
CA MET A 313 18.18 0.97 -1.96
C MET A 313 19.25 1.18 -0.90
N ARG A 314 20.46 1.50 -1.36
CA ARG A 314 21.57 1.74 -0.46
C ARG A 314 21.29 2.93 0.43
N ASP A 315 20.89 4.04 -0.16
CA ASP A 315 20.66 5.25 0.61
C ASP A 315 19.47 5.08 1.57
N GLY A 316 18.42 4.41 1.11
CA GLY A 316 17.25 4.18 1.93
C GLY A 316 17.53 3.27 3.09
N ALA A 317 18.26 2.19 2.85
CA ALA A 317 18.60 1.28 3.95
C ALA A 317 19.44 1.98 5.00
N GLU A 318 20.37 2.81 4.55
CA GLU A 318 21.23 3.54 5.50
C GLU A 318 20.39 4.50 6.36
N LYS A 319 19.51 5.23 5.68
CA LYS A 319 18.65 6.23 6.34
C LYS A 319 17.69 5.55 7.33
N ALA A 320 17.12 4.43 6.90
CA ALA A 320 16.16 3.70 7.75
C ALA A 320 16.88 3.08 8.94
N SER A 321 17.99 2.39 8.69
CA SER A 321 18.72 1.78 9.82
C SER A 321 19.17 2.81 10.83
N ALA A 322 19.58 4.00 10.38
CA ALA A 322 20.04 5.02 11.33
C ALA A 322 18.91 5.37 12.31
N LYS A 323 17.67 5.39 11.84
CA LYS A 323 16.53 5.67 12.71
C LYS A 323 16.17 4.45 13.54
N ALA A 324 16.09 3.32 12.87
CA ALA A 324 15.66 2.09 13.53
C ALA A 324 16.60 1.65 14.63
N LEU A 325 17.90 1.80 14.40
CA LEU A 325 18.87 1.41 15.41
C LEU A 325 18.73 2.19 16.71
N GLN A 326 18.31 3.46 16.63
CA GLN A 326 18.08 4.23 17.86
C GLN A 326 17.00 3.57 18.70
N THR A 327 15.90 3.15 18.06
CA THR A 327 14.81 2.47 18.77
C THR A 327 15.27 1.12 19.31
N LEU A 328 15.99 0.36 18.47
CA LEU A 328 16.42 -0.97 18.88
C LEU A 328 17.32 -0.87 20.10
N LYS A 329 18.25 0.09 20.13
CA LYS A 329 19.15 0.24 21.27
C LYS A 329 18.37 0.53 22.54
N LYS A 330 17.34 1.37 22.46
CA LYS A 330 16.54 1.68 23.63
C LYS A 330 15.79 0.45 24.14
N VAL A 331 15.28 -0.35 23.21
CA VAL A 331 14.52 -1.55 23.59
C VAL A 331 15.48 -2.56 24.26
N TYR A 332 16.64 -2.75 23.64
CA TYR A 332 17.64 -3.69 24.19
C TYR A 332 18.09 -3.26 25.58
N ALA A 333 18.31 -1.97 25.77
CA ALA A 333 18.73 -1.50 27.09
C ALA A 333 17.63 -1.74 28.11
N ALA A 334 16.38 -1.43 27.73
CA ALA A 334 15.24 -1.59 28.64
C ALA A 334 15.03 -3.00 29.10
N VAL A 335 15.14 -3.98 28.20
CA VAL A 335 14.87 -5.36 28.60
C VAL A 335 16.02 -5.95 29.43
N GLY A 336 17.20 -5.32 29.39
CA GLY A 336 18.32 -5.76 30.22
C GLY A 336 19.52 -6.33 29.51
N PHE A 337 19.56 -6.26 28.17
CA PHE A 337 20.71 -6.77 27.47
C PHE A 337 21.93 -5.88 27.70
N VAL A 338 23.08 -6.52 27.68
CA VAL A 338 24.34 -5.81 27.61
C VAL A 338 24.49 -5.21 26.23
N ALA A 339 24.74 -3.90 26.16
CA ALA A 339 24.94 -3.25 24.85
C ALA A 339 26.19 -3.76 24.16
N ARG A 340 26.13 -3.99 22.84
CA ARG A 340 27.32 -4.35 22.10
CA ARG A 340 27.33 -4.35 22.12
C ARG A 340 28.34 -3.20 22.22
N PRO A 341 29.57 -3.50 22.66
CA PRO A 341 30.56 -2.44 22.79
C PRO A 341 31.30 -2.21 21.54
#